data_7G9V
#
_entry.id   7G9V
#
_cell.length_a   54.103
_cell.length_b   69.564
_cell.length_c   57.423
_cell.angle_alpha   90.000
_cell.angle_beta   93.020
_cell.angle_gamma   90.000
#
_symmetry.space_group_name_H-M   'P 1 21 1'
#
loop_
_entity.id
_entity.type
_entity.pdbx_description
1 polymer 'Serine protease NS3'
2 non-polymer 1,2-ETHANEDIOL
3 non-polymer 'PHOSPHATE ION'
4 non-polymer (4S)-2-METHYL-2,4-PENTANEDIOL
5 non-polymer N-(1H-indazol-6-yl)acetamide
6 water water
#
_entity_poly.entity_id   1
_entity_poly.type   'polypeptide(L)'
_entity_poly.pdbx_seq_one_letter_code
;MLKKKQLTVLDLHPGAGKTRRVLPEIVREAIKKRLRTVILAPTRVVAAEMEEALRGLPVRYMTTAVNVTHSGTEIVDLMC
HATFTSRLLQPIRVPNYNLNIMDEAHFTDPSSIAARGYISTRVEMGEAAAIFMTATPPGTRDAFPDSNSPIMDTEVEVPE
RAWSSGFDWVTDHSGKTVWFVPSVRNGNEIAACLTKAGKRVIQLSRKTFETEFQKTKNQEWDFVITTDISEMGANFKADR
VIDSRRCLKPVILDGERVILAGPMPVTHASAAQRRGRIGRNPNKPGDEYMYGGGCAETDEGHAHWLEARMLLDNIYLQDG
LIASLYRPEADKVAAIEGEFKLRTEQRKTFVELMKRGDLPVWLAYQVASAGITYTDRRWCFDGTTNNTIMEDSVPAEVWT
KYGEKRVLKPRWMDARVCSDHAALKSFKEFAAGKR
;
_entity_poly.pdbx_strand_id   A
#
# COMPACT_ATOMS: atom_id res chain seq x y z
N MET A 1 28.26 -0.44 -3.79
CA MET A 1 26.80 -0.29 -3.65
C MET A 1 26.44 0.95 -2.84
N LEU A 2 27.29 1.31 -1.85
CA LEU A 2 27.01 2.44 -0.97
C LEU A 2 27.58 3.79 -1.46
N LYS A 3 28.35 3.78 -2.57
CA LYS A 3 28.97 4.97 -3.16
C LYS A 3 27.93 5.94 -3.67
N LYS A 4 28.17 7.25 -3.48
CA LYS A 4 27.28 8.31 -3.95
C LYS A 4 26.92 8.17 -5.44
N LYS A 5 25.90 8.89 -5.90
CA LYS A 5 25.41 8.93 -7.28
C LYS A 5 24.96 7.58 -7.84
N GLN A 6 24.75 6.54 -6.98
CA GLN A 6 24.30 5.24 -7.50
C GLN A 6 22.98 4.70 -6.90
N LEU A 7 22.10 4.19 -7.78
CA LEU A 7 20.85 3.54 -7.36
C LEU A 7 21.00 2.06 -7.72
N THR A 8 20.93 1.19 -6.72
CA THR A 8 21.02 -0.24 -6.92
C THR A 8 19.69 -0.93 -6.67
N VAL A 9 19.30 -1.86 -7.55
CA VAL A 9 18.06 -2.62 -7.35
C VAL A 9 18.48 -4.02 -6.87
N LEU A 10 18.20 -4.34 -5.61
CA LEU A 10 18.52 -5.67 -5.05
C LEU A 10 17.30 -6.54 -5.35
N ASP A 11 17.38 -7.31 -6.45
CA ASP A 11 16.25 -8.08 -6.91
C ASP A 11 16.38 -9.60 -6.69
N LEU A 12 16.82 -10.02 -5.51
CA LEU A 12 16.85 -11.44 -5.17
C LEU A 12 15.39 -11.97 -5.11
N HIS A 13 15.18 -13.24 -5.46
CA HIS A 13 13.85 -13.85 -5.47
C HIS A 13 13.16 -13.79 -4.10
N PRO A 14 11.81 -13.92 -4.02
CA PRO A 14 11.14 -13.90 -2.70
C PRO A 14 11.70 -14.98 -1.77
N GLY A 15 11.99 -14.59 -0.53
CA GLY A 15 12.55 -15.52 0.44
C GLY A 15 14.06 -15.69 0.39
N ALA A 16 14.77 -14.95 -0.50
CA ALA A 16 16.23 -15.11 -0.60
C ALA A 16 17.03 -14.53 0.56
N GLY A 17 16.37 -13.78 1.46
CA GLY A 17 17.02 -13.20 2.63
C GLY A 17 17.33 -11.72 2.56
N LYS A 18 16.64 -10.97 1.68
CA LYS A 18 16.91 -9.52 1.56
C LYS A 18 16.77 -8.78 2.89
N THR A 19 15.71 -9.07 3.64
CA THR A 19 15.43 -8.37 4.88
C THR A 19 16.20 -8.91 6.09
N ARG A 20 16.34 -10.24 6.24
CA ARG A 20 17.00 -10.79 7.42
C ARG A 20 18.50 -10.97 7.27
N ARG A 21 19.01 -11.06 6.05
CA ARG A 21 20.44 -11.30 5.84
C ARG A 21 21.18 -10.13 5.17
N VAL A 22 20.67 -9.62 4.04
CA VAL A 22 21.36 -8.54 3.34
C VAL A 22 21.25 -7.19 4.06
N LEU A 23 20.03 -6.82 4.46
CA LEU A 23 19.79 -5.55 5.14
C LEU A 23 20.74 -5.28 6.35
N PRO A 24 20.97 -6.22 7.31
CA PRO A 24 21.89 -5.93 8.42
C PRO A 24 23.34 -5.67 7.95
N GLU A 25 23.80 -6.40 6.93
CA GLU A 25 25.13 -6.21 6.34
C GLU A 25 25.26 -4.79 5.76
N ILE A 26 24.27 -4.32 4.99
CA ILE A 26 24.26 -2.97 4.44
C ILE A 26 24.29 -1.92 5.59
N VAL A 27 23.48 -2.12 6.65
CA VAL A 27 23.43 -1.21 7.79
C VAL A 27 24.77 -1.13 8.53
N ARG A 28 25.42 -2.28 8.73
CA ARG A 28 26.72 -2.32 9.41
C ARG A 28 27.75 -1.53 8.59
N GLU A 29 27.76 -1.73 7.27
CA GLU A 29 28.70 -1.01 6.39
C GLU A 29 28.40 0.49 6.40
N ALA A 30 27.12 0.87 6.38
CA ALA A 30 26.73 2.29 6.38
C ALA A 30 27.18 3.02 7.65
N ILE A 31 27.06 2.34 8.82
CA ILE A 31 27.47 2.89 10.10
C ILE A 31 29.03 3.02 10.15
N LYS A 32 29.76 2.01 9.64
CA LYS A 32 31.24 2.03 9.56
C LYS A 32 31.70 3.24 8.70
N LYS A 33 30.99 3.54 7.60
CA LYS A 33 31.34 4.65 6.71
C LYS A 33 30.75 6.02 7.12
N ARG A 34 29.99 6.05 8.24
CA ARG A 34 29.31 7.22 8.77
C ARG A 34 28.34 7.86 7.77
N LEU A 35 27.55 7.05 7.11
CA LEU A 35 26.55 7.53 6.16
C LEU A 35 25.25 7.71 6.93
N ARG A 36 24.66 8.92 6.88
CA ARG A 36 23.35 9.19 7.49
C ARG A 36 22.34 8.40 6.63
N THR A 37 21.67 7.40 7.23
CA THR A 37 20.88 6.46 6.47
C THR A 37 19.42 6.38 6.82
N VAL A 38 18.53 6.22 5.81
CA VAL A 38 17.11 5.99 6.12
C VAL A 38 16.73 4.60 5.58
N ILE A 39 15.97 3.82 6.38
CA ILE A 39 15.42 2.50 6.05
C ILE A 39 13.89 2.69 6.01
N LEU A 40 13.29 2.44 4.86
CA LEU A 40 11.86 2.64 4.66
C LEU A 40 11.10 1.29 4.59
N ALA A 41 10.22 1.05 5.58
CA ALA A 41 9.38 -0.14 5.69
C ALA A 41 8.02 0.12 5.07
N PRO A 42 7.40 -0.83 4.34
CA PRO A 42 6.08 -0.55 3.75
C PRO A 42 4.94 -0.41 4.78
N THR A 43 5.01 -1.20 5.88
CA THR A 43 3.99 -1.28 6.94
C THR A 43 4.62 -1.35 8.35
N ARG A 44 3.78 -1.16 9.39
CA ARG A 44 4.22 -1.24 10.77
CA ARG A 44 4.22 -1.24 10.77
C ARG A 44 4.62 -2.68 11.14
N VAL A 45 3.99 -3.68 10.48
CA VAL A 45 4.29 -5.10 10.70
C VAL A 45 5.72 -5.37 10.20
N VAL A 46 6.06 -4.88 9.00
CA VAL A 46 7.40 -5.06 8.46
C VAL A 46 8.44 -4.31 9.30
N ALA A 47 8.10 -3.12 9.83
CA ALA A 47 9.00 -2.37 10.70
C ALA A 47 9.37 -3.20 11.95
N ALA A 48 8.39 -3.93 12.52
CA ALA A 48 8.60 -4.81 13.67
C ALA A 48 9.53 -5.96 13.31
N GLU A 49 9.38 -6.54 12.12
CA GLU A 49 10.26 -7.61 11.64
C GLU A 49 11.68 -7.13 11.41
N MET A 50 11.82 -5.90 10.93
CA MET A 50 13.13 -5.31 10.70
C MET A 50 13.84 -5.10 12.00
N GLU A 51 13.11 -4.70 13.08
CA GLU A 51 13.77 -4.55 14.38
C GLU A 51 14.38 -5.89 14.85
N GLU A 52 13.69 -7.02 14.58
CA GLU A 52 14.23 -8.33 14.97
C GLU A 52 15.53 -8.66 14.22
N ALA A 53 15.58 -8.38 12.92
CA ALA A 53 16.76 -8.65 12.12
C ALA A 53 17.91 -7.70 12.42
N LEU A 54 17.60 -6.45 12.81
CA LEU A 54 18.62 -5.46 13.11
C LEU A 54 18.91 -5.32 14.61
N ARG A 55 18.30 -6.14 15.47
CA ARG A 55 18.42 -6.03 16.92
C ARG A 55 19.86 -5.94 17.41
N GLY A 56 20.12 -4.90 18.21
CA GLY A 56 21.45 -4.64 18.74
C GLY A 56 22.14 -3.49 18.03
N LEU A 57 21.91 -3.36 16.69
CA LEU A 57 22.50 -2.30 15.87
C LEU A 57 21.92 -0.95 16.28
N PRO A 58 22.70 0.14 16.19
CA PRO A 58 22.18 1.45 16.60
C PRO A 58 21.26 2.09 15.55
N VAL A 59 19.97 1.73 15.61
CA VAL A 59 18.97 2.24 14.67
C VAL A 59 17.87 2.97 15.46
N ARG A 60 17.49 4.17 14.99
CA ARG A 60 16.44 5.00 15.55
C ARG A 60 15.10 4.67 14.84
N TYR A 61 14.17 4.06 15.58
CA TYR A 61 12.87 3.62 15.09
C TYR A 61 11.84 4.73 15.24
N MET A 62 11.52 5.38 14.13
CA MET A 62 10.57 6.50 14.11
C MET A 62 9.17 5.96 13.81
N THR A 63 8.69 5.09 14.72
CA THR A 63 7.41 4.42 14.69
C THR A 63 7.01 3.91 16.09
N THR A 64 5.71 3.98 16.43
CA THR A 64 5.25 3.41 17.71
C THR A 64 5.07 1.87 17.62
N ALA A 65 5.34 1.24 16.45
CA ALA A 65 5.25 -0.21 16.30
C ALA A 65 6.41 -0.95 17.00
N VAL A 66 7.46 -0.22 17.44
CA VAL A 66 8.62 -0.78 18.11
C VAL A 66 8.80 -0.04 19.45
N ASN A 67 8.99 -0.79 20.55
CA ASN A 67 9.18 -0.18 21.86
C ASN A 67 10.63 -0.26 22.25
N VAL A 68 11.44 0.69 21.77
CA VAL A 68 12.88 0.69 22.09
C VAL A 68 13.33 2.02 22.68
N THR A 69 14.29 1.96 23.60
CA THR A 69 14.85 3.16 24.21
C THR A 69 16.08 3.60 23.38
N HIS A 70 15.93 4.68 22.59
CA HIS A 70 17.01 5.20 21.77
C HIS A 70 18.08 5.92 22.58
N SER A 71 19.35 5.68 22.24
CA SER A 71 20.48 6.31 22.92
C SER A 71 20.69 7.79 22.53
N GLY A 72 20.19 8.19 21.36
CA GLY A 72 20.36 9.56 20.88
C GLY A 72 21.55 9.76 19.94
N THR A 73 22.39 8.72 19.76
CA THR A 73 23.56 8.80 18.87
C THR A 73 23.40 7.99 17.56
N GLU A 74 22.21 7.49 17.26
CA GLU A 74 21.98 6.74 16.03
C GLU A 74 22.10 7.64 14.79
N ILE A 75 22.75 7.14 13.73
CA ILE A 75 22.80 7.82 12.44
C ILE A 75 21.96 7.07 11.38
N VAL A 76 21.27 5.98 11.77
CA VAL A 76 20.40 5.20 10.91
C VAL A 76 18.97 5.37 11.42
N ASP A 77 18.06 5.88 10.57
CA ASP A 77 16.66 6.04 10.94
C ASP A 77 15.82 5.01 10.20
N LEU A 78 14.78 4.50 10.83
CA LEU A 78 13.86 3.57 10.21
C LEU A 78 12.44 4.13 10.39
N MET A 79 11.69 4.22 9.29
CA MET A 79 10.31 4.69 9.35
C MET A 79 9.52 4.06 8.20
N CYS A 80 8.16 4.16 8.21
CA CYS A 80 7.37 3.64 7.10
C CYS A 80 7.48 4.52 5.84
N HIS A 81 7.19 3.97 4.65
CA HIS A 81 7.21 4.77 3.38
C HIS A 81 6.32 6.03 3.51
N ALA A 82 5.09 5.86 4.06
CA ALA A 82 4.11 6.97 4.24
C ALA A 82 4.63 8.05 5.17
N THR A 83 5.33 7.66 6.25
CA THR A 83 5.89 8.63 7.20
C THR A 83 6.95 9.52 6.52
N PHE A 84 7.82 8.92 5.72
CA PHE A 84 8.87 9.65 5.00
C PHE A 84 8.25 10.75 4.11
N THR A 85 7.29 10.33 3.27
CA THR A 85 6.57 11.23 2.34
C THR A 85 5.80 12.29 3.12
N SER A 86 5.14 11.89 4.23
CA SER A 86 4.41 12.84 5.08
C SER A 86 5.34 13.91 5.67
N ARG A 87 6.48 13.50 6.23
CA ARG A 87 7.44 14.45 6.79
C ARG A 87 8.02 15.35 5.71
N LEU A 88 8.19 14.83 4.46
CA LEU A 88 8.70 15.67 3.37
C LEU A 88 7.69 16.81 3.08
N LEU A 89 6.40 16.49 3.07
CA LEU A 89 5.31 17.43 2.78
C LEU A 89 5.07 18.48 3.87
N GLN A 90 5.24 18.09 5.12
CA GLN A 90 5.04 18.93 6.29
C GLN A 90 6.18 19.93 6.51
N PRO A 91 5.97 21.01 7.31
CA PRO A 91 7.08 21.95 7.57
C PRO A 91 7.98 21.43 8.70
N ILE A 92 8.53 20.24 8.49
CA ILE A 92 9.48 19.56 9.38
C ILE A 92 10.74 19.31 8.54
N ARG A 93 11.89 19.54 9.14
CA ARG A 93 13.21 19.35 8.57
C ARG A 93 13.47 17.86 8.46
N VAL A 94 13.67 17.36 7.24
CA VAL A 94 14.02 15.94 7.01
C VAL A 94 15.49 15.96 6.63
N PRO A 95 16.36 15.15 7.28
CA PRO A 95 17.78 15.15 6.90
C PRO A 95 17.96 14.76 5.44
N ASN A 96 19.03 15.25 4.80
CA ASN A 96 19.33 14.88 3.43
C ASN A 96 20.18 13.60 3.51
N TYR A 97 19.53 12.45 3.78
CA TYR A 97 20.17 11.15 3.93
C TYR A 97 21.18 10.81 2.84
N ASN A 98 22.40 10.39 3.21
CA ASN A 98 23.42 10.00 2.22
C ASN A 98 23.06 8.66 1.53
N LEU A 99 22.38 7.76 2.29
CA LEU A 99 21.97 6.45 1.84
C LEU A 99 20.46 6.23 2.14
N ASN A 100 19.70 5.90 1.11
CA ASN A 100 18.24 5.72 1.19
C ASN A 100 17.91 4.26 0.83
N ILE A 101 17.48 3.46 1.81
CA ILE A 101 17.16 2.06 1.59
C ILE A 101 15.65 1.87 1.63
N MET A 102 15.05 1.36 0.54
CA MET A 102 13.60 1.11 0.56
C MET A 102 13.34 -0.39 0.51
N ASP A 103 12.74 -0.97 1.57
CA ASP A 103 12.35 -2.38 1.52
C ASP A 103 10.95 -2.47 0.88
N GLU A 104 10.69 -3.60 0.16
CA GLU A 104 9.44 -3.87 -0.57
C GLU A 104 9.16 -2.71 -1.51
N ALA A 105 10.18 -2.36 -2.31
CA ALA A 105 10.15 -1.21 -3.19
C ALA A 105 9.21 -1.34 -4.41
N HIS A 106 8.44 -2.44 -4.48
CA HIS A 106 7.43 -2.60 -5.52
C HIS A 106 6.06 -1.98 -5.08
N PHE A 107 5.91 -1.56 -3.80
CA PHE A 107 4.67 -1.03 -3.24
C PHE A 107 4.10 0.10 -4.10
N THR A 108 2.85 -0.05 -4.57
CA THR A 108 2.26 0.94 -5.47
C THR A 108 1.29 1.94 -4.80
N ASP A 109 1.33 2.09 -3.45
CA ASP A 109 0.51 3.13 -2.81
C ASP A 109 1.13 4.51 -3.17
N PRO A 110 0.31 5.56 -3.33
CA PRO A 110 0.86 6.86 -3.79
C PRO A 110 2.07 7.37 -3.03
N SER A 111 2.08 7.20 -1.70
CA SER A 111 3.21 7.69 -0.89
C SER A 111 4.51 6.91 -1.15
N SER A 112 4.41 5.64 -1.56
CA SER A 112 5.59 4.82 -1.89
C SER A 112 6.15 5.25 -3.24
N ILE A 113 5.27 5.42 -4.26
CA ILE A 113 5.67 5.90 -5.59
C ILE A 113 6.36 7.28 -5.46
N ALA A 114 5.73 8.23 -4.69
CA ALA A 114 6.32 9.57 -4.45
C ALA A 114 7.70 9.43 -3.78
N ALA A 115 7.83 8.60 -2.72
CA ALA A 115 9.14 8.41 -2.07
C ALA A 115 10.21 7.93 -3.08
N ARG A 116 9.86 6.93 -3.96
CA ARG A 116 10.81 6.45 -4.99
C ARG A 116 11.23 7.58 -5.93
N GLY A 117 10.29 8.42 -6.34
CA GLY A 117 10.57 9.53 -7.24
C GLY A 117 11.51 10.57 -6.61
N TYR A 118 11.24 10.91 -5.37
CA TYR A 118 12.07 11.85 -4.62
C TYR A 118 13.51 11.32 -4.45
N ILE A 119 13.66 10.09 -4.00
CA ILE A 119 14.96 9.48 -3.74
C ILE A 119 15.74 9.32 -5.06
N SER A 120 15.09 8.78 -6.12
CA SER A 120 15.77 8.59 -7.38
C SER A 120 16.19 9.92 -8.02
N THR A 121 15.45 11.01 -7.77
CA THR A 121 15.83 12.34 -8.25
C THR A 121 17.09 12.85 -7.53
N ARG A 122 17.16 12.61 -6.20
CA ARG A 122 18.34 12.99 -5.43
C ARG A 122 19.58 12.22 -5.93
N VAL A 123 19.40 10.94 -6.30
CA VAL A 123 20.51 10.12 -6.84
C VAL A 123 20.98 10.64 -8.22
N GLU A 124 20.02 10.93 -9.10
CA GLU A 124 20.26 11.51 -10.42
C GLU A 124 21.05 12.84 -10.29
N MET A 125 20.71 13.68 -9.31
CA MET A 125 21.41 14.94 -9.04
C MET A 125 22.83 14.75 -8.47
N GLY A 126 23.19 13.52 -8.10
CA GLY A 126 24.49 13.16 -7.53
C GLY A 126 24.65 13.50 -6.06
N GLU A 127 23.54 13.61 -5.36
CA GLU A 127 23.53 14.01 -3.94
C GLU A 127 23.39 12.85 -2.95
N ALA A 128 23.05 11.65 -3.42
CA ALA A 128 22.79 10.53 -2.52
C ALA A 128 22.92 9.17 -3.24
N ALA A 129 22.96 8.09 -2.47
CA ALA A 129 22.94 6.72 -2.96
C ALA A 129 21.58 6.14 -2.52
N ALA A 130 21.13 5.09 -3.20
CA ALA A 130 19.87 4.45 -2.86
C ALA A 130 19.91 2.98 -3.20
N ILE A 131 19.18 2.20 -2.41
CA ILE A 131 19.07 0.78 -2.66
C ILE A 131 17.55 0.45 -2.58
N PHE A 132 16.97 -0.05 -3.70
CA PHE A 132 15.57 -0.47 -3.74
C PHE A 132 15.52 -1.99 -3.64
N MET A 133 14.97 -2.52 -2.57
CA MET A 133 14.91 -3.96 -2.35
C MET A 133 13.55 -4.51 -2.75
N THR A 134 13.51 -5.32 -3.82
CA THR A 134 12.30 -6.02 -4.28
C THR A 134 12.62 -7.16 -5.23
N ALA A 135 11.91 -8.26 -5.04
CA ALA A 135 11.96 -9.36 -5.98
C ALA A 135 11.34 -8.96 -7.32
N THR A 136 10.42 -7.96 -7.35
CA THR A 136 9.69 -7.58 -8.54
C THR A 136 9.83 -6.10 -8.87
N PRO A 137 10.95 -5.69 -9.50
CA PRO A 137 11.13 -4.27 -9.85
C PRO A 137 10.06 -3.74 -10.80
N PRO A 138 9.82 -2.41 -10.85
CA PRO A 138 8.78 -1.89 -11.74
C PRO A 138 8.99 -2.30 -13.20
N GLY A 139 8.03 -3.05 -13.74
CA GLY A 139 8.15 -3.53 -15.12
C GLY A 139 8.45 -5.01 -15.29
N THR A 140 8.56 -5.76 -14.18
CA THR A 140 8.84 -7.20 -14.25
C THR A 140 7.74 -7.94 -15.03
N ARG A 141 8.15 -8.87 -15.87
CA ARG A 141 7.24 -9.65 -16.70
C ARG A 141 7.12 -11.11 -16.25
N ASP A 142 7.80 -11.50 -15.16
CA ASP A 142 7.77 -12.88 -14.70
C ASP A 142 6.91 -13.03 -13.46
N ALA A 143 5.77 -13.71 -13.60
CA ALA A 143 4.89 -13.98 -12.46
C ALA A 143 5.32 -15.26 -11.72
N PHE A 144 6.29 -16.05 -12.25
CA PHE A 144 6.71 -17.30 -11.61
C PHE A 144 8.23 -17.29 -11.33
N PRO A 145 8.73 -16.39 -10.45
CA PRO A 145 10.17 -16.36 -10.17
C PRO A 145 10.65 -17.54 -9.32
N ASP A 146 11.97 -17.57 -9.03
CA ASP A 146 12.53 -18.66 -8.23
C ASP A 146 11.98 -18.62 -6.79
N SER A 147 12.07 -19.77 -6.10
CA SER A 147 11.64 -19.88 -4.70
C SER A 147 12.63 -20.78 -3.93
N ASN A 148 12.55 -20.77 -2.60
CA ASN A 148 13.41 -21.62 -1.77
C ASN A 148 13.12 -23.09 -1.97
N SER A 149 11.85 -23.45 -2.22
CA SER A 149 11.52 -24.84 -2.54
C SER A 149 10.50 -24.89 -3.70
N PRO A 150 10.43 -26.03 -4.44
CA PRO A 150 9.52 -26.10 -5.58
C PRO A 150 8.05 -25.85 -5.24
N ILE A 151 7.33 -25.19 -6.16
CA ILE A 151 5.91 -24.89 -5.98
C ILE A 151 5.11 -25.58 -7.09
N MET A 152 3.96 -26.18 -6.74
CA MET A 152 3.05 -26.79 -7.73
C MET A 152 2.16 -25.64 -8.24
N ASP A 153 2.38 -25.16 -9.45
CA ASP A 153 1.56 -24.07 -10.02
C ASP A 153 0.39 -24.71 -10.77
N THR A 154 -0.86 -24.29 -10.51
CA THR A 154 -2.02 -24.87 -11.20
C THR A 154 -3.03 -23.78 -11.58
N GLU A 155 -3.31 -23.64 -12.88
CA GLU A 155 -4.33 -22.70 -13.38
C GLU A 155 -5.68 -23.37 -13.15
N VAL A 156 -6.55 -22.75 -12.36
CA VAL A 156 -7.87 -23.33 -12.05
C VAL A 156 -8.93 -22.19 -11.88
N GLU A 157 -10.23 -22.48 -12.12
CA GLU A 157 -11.28 -21.51 -11.84
C GLU A 157 -11.38 -21.36 -10.30
N VAL A 158 -11.28 -20.12 -9.82
CA VAL A 158 -11.32 -19.78 -8.39
C VAL A 158 -12.62 -19.04 -8.11
N PRO A 159 -13.42 -19.50 -7.13
CA PRO A 159 -14.66 -18.79 -6.83
C PRO A 159 -14.42 -17.38 -6.33
N GLU A 160 -15.29 -16.45 -6.74
CA GLU A 160 -15.29 -15.06 -6.29
C GLU A 160 -16.62 -14.70 -5.56
N ARG A 161 -17.45 -15.71 -5.28
CA ARG A 161 -18.72 -15.59 -4.57
C ARG A 161 -18.87 -16.84 -3.71
N ALA A 162 -19.89 -16.89 -2.84
CA ALA A 162 -20.21 -18.11 -2.09
C ALA A 162 -20.60 -19.22 -3.10
N TRP A 163 -20.34 -20.47 -2.74
CA TRP A 163 -20.63 -21.59 -3.62
C TRP A 163 -21.25 -22.72 -2.83
N SER A 164 -22.16 -23.45 -3.48
CA SER A 164 -22.78 -24.63 -2.89
C SER A 164 -22.10 -25.90 -3.42
N SER A 165 -21.55 -25.88 -4.66
CA SER A 165 -20.91 -27.04 -5.25
C SER A 165 -19.92 -26.66 -6.38
N GLY A 166 -19.07 -27.60 -6.79
CA GLY A 166 -18.15 -27.42 -7.90
C GLY A 166 -16.73 -27.01 -7.58
N PHE A 167 -16.39 -26.87 -6.27
CA PHE A 167 -15.04 -26.43 -5.88
C PHE A 167 -14.53 -27.24 -4.66
N ASP A 168 -14.74 -28.57 -4.69
CA ASP A 168 -14.36 -29.46 -3.60
C ASP A 168 -12.91 -29.32 -3.18
N TRP A 169 -11.99 -29.07 -4.14
CA TRP A 169 -10.55 -28.89 -3.89
C TRP A 169 -10.25 -27.76 -2.89
N VAL A 170 -11.12 -26.75 -2.80
CA VAL A 170 -10.91 -25.64 -1.88
C VAL A 170 -11.04 -26.10 -0.41
N THR A 171 -12.15 -26.78 -0.06
CA THR A 171 -12.36 -27.21 1.32
C THR A 171 -11.73 -28.57 1.65
N ASP A 172 -11.47 -29.41 0.63
CA ASP A 172 -10.81 -30.71 0.83
C ASP A 172 -9.28 -30.46 0.87
N HIS A 173 -8.84 -29.78 1.91
CA HIS A 173 -7.42 -29.45 2.08
C HIS A 173 -7.18 -29.36 3.58
N SER A 174 -6.16 -30.05 4.08
CA SER A 174 -5.90 -30.07 5.52
C SER A 174 -4.85 -29.07 6.00
N GLY A 175 -4.24 -28.30 5.08
CA GLY A 175 -3.22 -27.35 5.45
C GLY A 175 -3.76 -25.95 5.67
N LYS A 176 -2.88 -24.95 5.65
CA LYS A 176 -3.29 -23.56 5.83
C LYS A 176 -3.17 -22.85 4.48
N THR A 177 -4.22 -22.10 4.09
CA THR A 177 -4.29 -21.39 2.81
C THR A 177 -4.39 -19.88 2.97
N VAL A 178 -3.64 -19.13 2.17
CA VAL A 178 -3.73 -17.67 2.09
C VAL A 178 -4.47 -17.42 0.76
N TRP A 179 -5.57 -16.68 0.80
CA TRP A 179 -6.41 -16.46 -0.38
C TRP A 179 -6.49 -14.98 -0.70
N PHE A 180 -5.97 -14.58 -1.86
CA PHE A 180 -6.02 -13.17 -2.28
C PHE A 180 -7.29 -12.90 -3.07
N VAL A 181 -8.12 -11.98 -2.56
CA VAL A 181 -9.38 -11.58 -3.17
C VAL A 181 -9.28 -10.13 -3.72
N PRO A 182 -10.14 -9.74 -4.68
CA PRO A 182 -10.02 -8.38 -5.25
C PRO A 182 -10.48 -7.22 -4.36
N SER A 183 -11.32 -7.51 -3.34
CA SER A 183 -11.82 -6.44 -2.46
C SER A 183 -12.28 -6.97 -1.11
N VAL A 184 -12.40 -6.04 -0.12
CA VAL A 184 -12.90 -6.35 1.21
C VAL A 184 -14.28 -7.01 1.13
N ARG A 185 -15.23 -6.40 0.36
CA ARG A 185 -16.59 -6.91 0.19
C ARG A 185 -16.59 -8.33 -0.39
N ASN A 186 -15.73 -8.61 -1.39
CA ASN A 186 -15.67 -9.97 -1.95
CA ASN A 186 -15.60 -9.95 -1.98
C ASN A 186 -15.10 -10.95 -0.94
N GLY A 187 -14.13 -10.52 -0.13
CA GLY A 187 -13.57 -11.40 0.89
C GLY A 187 -14.59 -11.74 1.96
N ASN A 188 -15.47 -10.77 2.36
CA ASN A 188 -16.54 -10.97 3.37
C ASN A 188 -17.43 -12.13 2.94
N GLU A 189 -17.87 -12.15 1.66
CA GLU A 189 -18.71 -13.24 1.13
C GLU A 189 -18.02 -14.62 1.17
N ILE A 190 -16.76 -14.70 0.73
CA ILE A 190 -16.01 -15.96 0.73
C ILE A 190 -15.74 -16.42 2.17
N ALA A 191 -15.37 -15.47 3.04
CA ALA A 191 -15.12 -15.81 4.45
C ALA A 191 -16.35 -16.38 5.12
N ALA A 192 -17.54 -15.78 4.86
CA ALA A 192 -18.80 -16.29 5.44
C ALA A 192 -19.13 -17.71 4.89
N CYS A 193 -18.90 -17.94 3.59
CA CYS A 193 -19.13 -19.25 2.99
C CYS A 193 -18.19 -20.30 3.61
N LEU A 194 -16.91 -19.93 3.86
CA LEU A 194 -15.93 -20.83 4.47
C LEU A 194 -16.23 -21.05 5.95
N THR A 195 -16.66 -20.01 6.68
CA THR A 195 -17.03 -20.12 8.08
C THR A 195 -18.22 -21.05 8.24
N LYS A 196 -19.21 -20.92 7.35
CA LYS A 196 -20.40 -21.78 7.37
C LYS A 196 -20.03 -23.25 7.16
N ALA A 197 -18.94 -23.54 6.41
CA ALA A 197 -18.48 -24.91 6.19
C ALA A 197 -17.57 -25.47 7.32
N GLY A 198 -17.37 -24.70 8.39
CA GLY A 198 -16.57 -25.15 9.53
C GLY A 198 -15.14 -24.68 9.58
N LYS A 199 -14.74 -23.78 8.65
CA LYS A 199 -13.36 -23.29 8.63
C LYS A 199 -13.18 -22.06 9.53
N ARG A 200 -11.98 -21.91 10.11
CA ARG A 200 -11.62 -20.74 10.92
C ARG A 200 -10.93 -19.80 9.96
N VAL A 201 -11.47 -18.60 9.81
CA VAL A 201 -10.98 -17.64 8.84
C VAL A 201 -10.56 -16.34 9.49
N ILE A 202 -9.43 -15.76 9.03
CA ILE A 202 -8.98 -14.43 9.47
C ILE A 202 -9.02 -13.54 8.21
N GLN A 203 -9.52 -12.30 8.31
CA GLN A 203 -9.60 -11.38 7.17
C GLN A 203 -8.66 -10.22 7.37
N LEU A 204 -7.88 -9.89 6.33
CA LEU A 204 -6.92 -8.79 6.36
C LEU A 204 -7.20 -7.82 5.24
N SER A 205 -7.02 -6.53 5.53
CA SER A 205 -7.13 -5.42 4.59
C SER A 205 -6.29 -4.27 5.12
N ARG A 206 -6.04 -3.23 4.30
CA ARG A 206 -5.22 -2.09 4.73
C ARG A 206 -5.57 -1.50 6.11
N LYS A 207 -6.86 -1.27 6.38
CA LYS A 207 -7.29 -0.64 7.63
C LYS A 207 -7.18 -1.52 8.86
N THR A 208 -7.30 -2.84 8.71
CA THR A 208 -7.25 -3.75 9.86
C THR A 208 -5.95 -4.55 9.99
N PHE A 209 -4.97 -4.32 9.09
CA PHE A 209 -3.73 -5.09 8.97
C PHE A 209 -2.96 -5.38 10.29
N GLU A 210 -2.53 -4.35 11.05
CA GLU A 210 -1.72 -4.61 12.26
C GLU A 210 -2.45 -5.44 13.30
N THR A 211 -3.73 -5.14 13.53
CA THR A 211 -4.51 -5.87 14.54
C THR A 211 -4.80 -7.32 14.14
N GLU A 212 -5.36 -7.53 12.93
CA GLU A 212 -5.73 -8.87 12.50
C GLU A 212 -4.53 -9.75 12.15
N PHE A 213 -3.40 -9.17 11.66
CA PHE A 213 -2.21 -9.98 11.34
C PHE A 213 -1.69 -10.71 12.60
N GLN A 214 -1.83 -10.07 13.79
CA GLN A 214 -1.42 -10.67 15.06
C GLN A 214 -2.12 -12.01 15.29
N LYS A 215 -3.39 -12.12 14.88
CA LYS A 215 -4.20 -13.33 15.00
C LYS A 215 -3.66 -14.51 14.21
N THR A 216 -2.86 -14.27 13.16
CA THR A 216 -2.27 -15.36 12.38
C THR A 216 -1.18 -16.11 13.16
N LYS A 217 -0.61 -15.49 14.20
CA LYS A 217 0.44 -16.06 15.04
C LYS A 217 -0.07 -16.48 16.45
N ASN A 218 -1.19 -15.88 16.91
CA ASN A 218 -1.78 -16.09 18.22
C ASN A 218 -2.86 -17.19 18.25
N GLN A 219 -3.41 -17.57 17.10
CA GLN A 219 -4.45 -18.62 17.09
C GLN A 219 -4.37 -19.55 15.88
N GLU A 220 -5.02 -20.71 15.99
CA GLU A 220 -5.06 -21.65 14.89
C GLU A 220 -6.05 -21.14 13.85
N TRP A 221 -5.69 -21.29 12.58
CA TRP A 221 -6.55 -20.84 11.48
C TRP A 221 -6.44 -21.82 10.31
N ASP A 222 -7.46 -21.83 9.45
CA ASP A 222 -7.51 -22.66 8.25
C ASP A 222 -7.28 -21.76 7.03
N PHE A 223 -7.90 -20.55 7.00
CA PHE A 223 -7.73 -19.65 5.87
C PHE A 223 -7.46 -18.23 6.35
N VAL A 224 -6.65 -17.50 5.57
CA VAL A 224 -6.46 -16.07 5.69
C VAL A 224 -7.06 -15.52 4.36
N ILE A 225 -8.03 -14.61 4.44
CA ILE A 225 -8.63 -13.99 3.27
C ILE A 225 -8.06 -12.59 3.27
N THR A 226 -7.35 -12.20 2.21
CA THR A 226 -6.68 -10.91 2.19
C THR A 226 -6.77 -10.17 0.87
N THR A 227 -6.69 -8.84 0.95
CA THR A 227 -6.58 -8.00 -0.23
C THR A 227 -5.06 -7.97 -0.62
N ASP A 228 -4.70 -7.18 -1.64
CA ASP A 228 -3.33 -7.01 -2.13
C ASP A 228 -2.32 -6.49 -1.08
N ILE A 229 -2.76 -6.03 0.11
CA ILE A 229 -1.81 -5.52 1.13
C ILE A 229 -0.82 -6.60 1.58
N SER A 230 -1.26 -7.88 1.55
CA SER A 230 -0.35 -8.97 1.95
C SER A 230 0.77 -9.27 0.95
N GLU A 231 0.79 -8.57 -0.21
CA GLU A 231 1.91 -8.67 -1.15
C GLU A 231 3.15 -7.92 -0.61
N MET A 232 3.00 -7.09 0.45
CA MET A 232 4.09 -6.26 0.92
C MET A 232 4.89 -6.85 2.11
N GLY A 233 5.44 -8.04 1.93
CA GLY A 233 6.33 -8.63 2.92
C GLY A 233 5.68 -9.33 4.08
N ALA A 234 4.35 -9.52 4.04
CA ALA A 234 3.62 -10.23 5.08
C ALA A 234 3.95 -11.71 4.95
N ASN A 235 4.35 -12.39 6.03
CA ASN A 235 4.69 -13.80 5.95
C ASN A 235 3.78 -14.68 6.80
N PHE A 236 3.46 -15.86 6.26
CA PHE A 236 2.54 -16.80 6.88
C PHE A 236 3.16 -18.21 6.90
N LYS A 237 2.68 -19.07 7.80
CA LYS A 237 3.15 -20.44 7.87
C LYS A 237 2.09 -21.24 7.15
N ALA A 238 2.06 -21.12 5.82
CA ALA A 238 1.01 -21.75 5.03
C ALA A 238 1.60 -22.72 3.98
N ASP A 239 0.78 -23.62 3.42
CA ASP A 239 1.22 -24.52 2.35
C ASP A 239 0.48 -24.32 1.02
N ARG A 240 -0.42 -23.33 0.95
CA ARG A 240 -1.17 -23.10 -0.27
C ARG A 240 -1.58 -21.65 -0.40
N VAL A 241 -1.52 -21.15 -1.62
CA VAL A 241 -2.02 -19.83 -1.93
C VAL A 241 -3.10 -20.06 -2.99
N ILE A 242 -4.25 -19.45 -2.78
CA ILE A 242 -5.31 -19.43 -3.77
C ILE A 242 -5.29 -17.98 -4.24
N ASP A 243 -5.16 -17.75 -5.55
CA ASP A 243 -5.09 -16.39 -6.07
C ASP A 243 -6.12 -16.14 -7.16
N SER A 244 -7.11 -15.27 -6.87
CA SER A 244 -8.11 -14.89 -7.88
C SER A 244 -7.44 -14.25 -9.11
N ARG A 245 -6.22 -13.68 -8.93
CA ARG A 245 -5.47 -12.95 -9.94
C ARG A 245 -6.20 -11.64 -10.32
N ARG A 246 -7.04 -11.10 -9.39
CA ARG A 246 -7.81 -9.89 -9.69
C ARG A 246 -7.67 -8.82 -8.61
N CYS A 247 -7.88 -7.57 -9.02
CA CYS A 247 -7.75 -6.40 -8.13
C CYS A 247 -8.72 -5.31 -8.61
N LEU A 248 -8.98 -4.33 -7.73
CA LEU A 248 -9.76 -3.16 -8.13
C LEU A 248 -8.75 -2.09 -8.57
N LYS A 249 -9.12 -1.26 -9.54
CA LYS A 249 -8.23 -0.23 -10.03
C LYS A 249 -8.92 1.13 -9.87
N PRO A 250 -8.42 2.07 -9.03
CA PRO A 250 -9.03 3.41 -8.99
C PRO A 250 -8.71 4.09 -10.33
N VAL A 251 -9.72 4.70 -10.96
CA VAL A 251 -9.61 5.35 -12.24
C VAL A 251 -10.27 6.74 -12.17
N ILE A 252 -9.56 7.78 -12.60
CA ILE A 252 -10.13 9.12 -12.60
C ILE A 252 -10.86 9.31 -13.96
N LEU A 253 -12.18 9.59 -13.92
CA LEU A 253 -12.97 9.80 -15.14
C LEU A 253 -13.09 11.26 -15.44
N ASP A 254 -12.68 11.66 -16.66
CA ASP A 254 -12.74 13.06 -17.12
C ASP A 254 -12.22 14.10 -16.11
N GLY A 255 -11.26 13.71 -15.26
CA GLY A 255 -10.70 14.59 -14.25
C GLY A 255 -11.67 15.06 -13.18
N GLU A 256 -12.89 14.45 -13.10
CA GLU A 256 -13.92 14.94 -12.18
C GLU A 256 -14.44 13.94 -11.12
N ARG A 257 -14.14 12.66 -11.26
CA ARG A 257 -14.58 11.66 -10.27
C ARG A 257 -13.63 10.47 -10.27
N VAL A 258 -13.64 9.67 -9.21
CA VAL A 258 -12.81 8.47 -9.14
C VAL A 258 -13.75 7.28 -8.94
N ILE A 259 -13.61 6.25 -9.78
CA ILE A 259 -14.39 5.03 -9.63
C ILE A 259 -13.42 3.89 -9.32
N LEU A 260 -13.94 2.82 -8.75
CA LEU A 260 -13.13 1.61 -8.52
C LEU A 260 -13.50 0.65 -9.63
N ALA A 261 -12.69 0.59 -10.70
CA ALA A 261 -12.99 -0.23 -11.86
C ALA A 261 -12.56 -1.68 -11.66
N GLY A 262 -13.20 -2.59 -12.37
CA GLY A 262 -12.88 -4.00 -12.29
C GLY A 262 -13.91 -4.79 -11.50
N PRO A 263 -13.55 -5.89 -10.84
CA PRO A 263 -12.20 -6.50 -10.72
C PRO A 263 -11.55 -6.76 -12.08
N MET A 264 -10.24 -6.58 -12.13
CA MET A 264 -9.48 -6.77 -13.34
C MET A 264 -8.13 -7.46 -13.04
N PRO A 265 -7.40 -7.96 -14.07
CA PRO A 265 -6.15 -8.67 -13.78
C PRO A 265 -5.12 -7.90 -12.95
N VAL A 266 -4.37 -8.64 -12.14
CA VAL A 266 -3.27 -8.04 -11.40
C VAL A 266 -2.05 -7.91 -12.36
N THR A 267 -1.03 -7.14 -11.96
CA THR A 267 0.23 -7.07 -12.71
C THR A 267 1.04 -8.37 -12.48
N HIS A 268 2.08 -8.61 -13.31
CA HIS A 268 2.96 -9.77 -13.12
C HIS A 268 3.69 -9.65 -11.77
N ALA A 269 4.05 -8.40 -11.35
CA ALA A 269 4.70 -8.15 -10.06
C ALA A 269 3.80 -8.61 -8.91
N SER A 270 2.50 -8.22 -8.96
CA SER A 270 1.56 -8.59 -7.91
C SER A 270 1.38 -10.09 -7.85
N ALA A 271 1.20 -10.75 -9.02
CA ALA A 271 1.04 -12.21 -9.05
C ALA A 271 2.24 -12.92 -8.45
N ALA A 272 3.45 -12.45 -8.76
CA ALA A 272 4.68 -13.08 -8.25
C ALA A 272 4.77 -12.88 -6.74
N GLN A 273 4.38 -11.71 -6.23
CA GLN A 273 4.41 -11.43 -4.80
C GLN A 273 3.38 -12.28 -4.04
N ARG A 274 2.20 -12.55 -4.66
CA ARG A 274 1.13 -13.36 -4.03
C ARG A 274 1.58 -14.81 -3.96
N ARG A 275 2.10 -15.32 -5.08
CA ARG A 275 2.67 -16.66 -5.16
C ARG A 275 3.85 -16.82 -4.17
N GLY A 276 4.66 -15.76 -4.02
CA GLY A 276 5.85 -15.71 -3.18
C GLY A 276 5.61 -15.92 -1.70
N ARG A 277 4.32 -15.90 -1.27
CA ARG A 277 3.96 -16.19 0.11
C ARG A 277 4.31 -17.64 0.45
N ILE A 278 4.29 -18.56 -0.55
CA ILE A 278 4.59 -19.97 -0.27
C ILE A 278 5.88 -20.42 -1.02
N GLY A 279 6.33 -21.65 -0.76
CA GLY A 279 7.59 -22.15 -1.30
C GLY A 279 8.80 -21.51 -0.62
N ARG A 280 8.61 -20.92 0.57
CA ARG A 280 9.68 -20.22 1.27
C ARG A 280 10.55 -21.10 2.16
N ASN A 281 10.11 -22.33 2.47
CA ASN A 281 10.89 -23.20 3.37
C ASN A 281 11.54 -24.30 2.54
N PRO A 282 12.88 -24.28 2.44
CA PRO A 282 13.55 -25.29 1.60
C PRO A 282 13.35 -26.73 2.07
N ASN A 283 13.01 -26.92 3.35
CA ASN A 283 12.75 -28.26 3.87
C ASN A 283 11.32 -28.75 3.64
N LYS A 284 10.42 -27.90 3.10
CA LYS A 284 9.05 -28.29 2.84
C LYS A 284 8.64 -28.04 1.39
N PRO A 285 9.10 -28.88 0.46
CA PRO A 285 8.68 -28.73 -0.94
C PRO A 285 7.22 -29.15 -1.13
N GLY A 286 6.64 -28.74 -2.24
CA GLY A 286 5.27 -29.13 -2.56
C GLY A 286 4.19 -28.15 -2.18
N ASP A 287 4.53 -26.90 -1.80
CA ASP A 287 3.48 -25.89 -1.54
C ASP A 287 2.72 -25.63 -2.87
N GLU A 288 1.43 -25.32 -2.80
CA GLU A 288 0.61 -25.15 -3.99
C GLU A 288 0.22 -23.72 -4.27
N TYR A 289 0.15 -23.35 -5.56
CA TYR A 289 -0.29 -22.03 -5.96
C TYR A 289 -1.39 -22.21 -7.01
N MET A 290 -2.64 -21.95 -6.63
CA MET A 290 -3.77 -22.11 -7.57
C MET A 290 -4.12 -20.75 -8.07
N TYR A 291 -4.14 -20.52 -9.40
CA TYR A 291 -4.42 -19.18 -9.90
C TYR A 291 -5.59 -19.16 -10.88
N GLY A 292 -6.44 -18.13 -10.76
CA GLY A 292 -7.70 -18.04 -11.49
C GLY A 292 -7.86 -17.08 -12.65
N GLY A 293 -6.76 -16.65 -13.22
CA GLY A 293 -6.77 -15.73 -14.37
C GLY A 293 -5.38 -15.34 -14.78
N GLY A 294 -5.28 -14.58 -15.85
CA GLY A 294 -3.98 -14.11 -16.34
C GLY A 294 -3.58 -12.77 -15.74
N CYS A 295 -2.39 -12.28 -16.14
CA CYS A 295 -1.85 -10.99 -15.70
C CYS A 295 -1.98 -9.99 -16.82
N ALA A 296 -2.00 -8.72 -16.45
CA ALA A 296 -2.05 -7.63 -17.41
C ALA A 296 -1.40 -6.38 -16.78
N GLU A 297 -0.95 -5.44 -17.61
CA GLU A 297 -0.31 -4.26 -17.04
CA GLU A 297 -0.32 -4.20 -17.17
C GLU A 297 -1.39 -3.18 -16.70
N THR A 298 -2.15 -3.50 -15.64
CA THR A 298 -3.23 -2.65 -15.14
C THR A 298 -2.76 -1.48 -14.25
N ASP A 299 -1.44 -1.29 -14.09
CA ASP A 299 -0.96 -0.10 -13.38
C ASP A 299 -0.97 1.13 -14.34
N GLU A 300 -1.08 0.92 -15.67
CA GLU A 300 -1.12 2.04 -16.63
C GLU A 300 -2.46 2.75 -16.46
N GLY A 301 -2.43 4.05 -16.18
CA GLY A 301 -3.64 4.85 -15.97
C GLY A 301 -4.30 4.62 -14.61
N HIS A 302 -3.61 3.94 -13.69
CA HIS A 302 -4.13 3.66 -12.35
C HIS A 302 -3.97 5.02 -11.56
N ALA A 303 -5.02 5.47 -10.84
CA ALA A 303 -5.00 6.77 -10.13
C ALA A 303 -3.80 6.99 -9.19
N HIS A 304 -3.24 5.91 -8.62
CA HIS A 304 -2.10 6.07 -7.70
C HIS A 304 -0.89 6.82 -8.31
N TRP A 305 -0.60 6.64 -9.62
CA TRP A 305 0.55 7.33 -10.24
C TRP A 305 0.26 8.85 -10.40
N LEU A 306 -1.01 9.18 -10.67
CA LEU A 306 -1.45 10.58 -10.75
C LEU A 306 -1.35 11.21 -9.33
N GLU A 307 -1.84 10.48 -8.31
CA GLU A 307 -1.78 10.94 -6.93
C GLU A 307 -0.32 11.13 -6.49
N ALA A 308 0.61 10.25 -6.95
CA ALA A 308 2.05 10.39 -6.64
C ALA A 308 2.59 11.71 -7.18
N ARG A 309 2.15 12.13 -8.36
CA ARG A 309 2.52 13.42 -8.95
C ARG A 309 1.96 14.61 -8.15
N MET A 310 0.74 14.47 -7.61
CA MET A 310 0.13 15.53 -6.76
C MET A 310 1.00 15.69 -5.50
N LEU A 311 1.51 14.58 -4.94
CA LEU A 311 2.35 14.65 -3.75
C LEU A 311 3.73 15.31 -4.09
N LEU A 312 4.42 14.83 -5.16
CA LEU A 312 5.75 15.34 -5.52
C LEU A 312 5.77 16.80 -5.95
N ASP A 313 4.68 17.24 -6.58
CA ASP A 313 4.54 18.66 -6.96
C ASP A 313 4.50 19.59 -5.75
N ASN A 314 4.18 19.05 -4.56
CA ASN A 314 4.10 19.85 -3.35
C ASN A 314 5.22 19.52 -2.33
N ILE A 315 6.34 18.95 -2.79
CA ILE A 315 7.48 18.64 -1.92
C ILE A 315 8.65 19.50 -2.39
N TYR A 316 9.28 20.23 -1.46
CA TYR A 316 10.42 21.09 -1.81
C TYR A 316 11.63 20.22 -2.12
N LEU A 317 12.36 20.56 -3.18
CA LEU A 317 13.55 19.81 -3.56
C LEU A 317 14.76 20.76 -3.59
N GLN A 318 14.71 21.81 -4.42
CA GLN A 318 15.73 22.83 -4.56
C GLN A 318 15.09 23.95 -5.41
N ASP A 319 14.98 25.19 -4.86
CA ASP A 319 14.35 26.34 -5.52
C ASP A 319 12.97 25.95 -6.15
N GLY A 320 12.77 26.13 -7.46
CA GLY A 320 11.52 25.75 -8.10
C GLY A 320 11.54 24.35 -8.70
N LEU A 321 12.62 23.58 -8.52
CA LEU A 321 12.73 22.24 -9.08
C LEU A 321 11.72 21.26 -8.45
N ILE A 322 11.30 20.26 -9.23
CA ILE A 322 10.31 19.30 -8.80
C ILE A 322 10.76 17.89 -9.13
N ALA A 323 10.68 16.96 -8.17
CA ALA A 323 11.10 15.59 -8.39
C ALA A 323 10.26 14.87 -9.41
N SER A 324 10.92 14.10 -10.26
CA SER A 324 10.28 13.29 -11.27
C SER A 324 9.99 11.93 -10.65
N LEU A 325 9.06 11.17 -11.26
CA LEU A 325 8.84 9.78 -10.86
C LEU A 325 10.09 8.96 -11.21
N TYR A 326 10.30 7.84 -10.52
CA TYR A 326 11.37 6.87 -10.77
C TYR A 326 11.20 6.39 -12.25
N ARG A 327 12.24 6.55 -13.06
CA ARG A 327 12.21 6.29 -14.50
C ARG A 327 11.41 5.02 -14.94
N PRO A 328 11.60 3.79 -14.44
CA PRO A 328 10.80 2.66 -14.95
C PRO A 328 9.29 2.73 -14.74
N GLU A 329 8.80 3.62 -13.85
CA GLU A 329 7.35 3.73 -13.64
C GLU A 329 6.78 5.09 -14.07
N ALA A 330 7.60 5.96 -14.68
CA ALA A 330 7.21 7.30 -15.09
C ALA A 330 6.20 7.38 -16.24
N ASP A 331 6.03 6.30 -17.05
CA ASP A 331 5.09 6.34 -18.17
C ASP A 331 3.67 5.88 -17.82
N LYS A 332 3.44 5.49 -16.56
CA LYS A 332 2.15 5.02 -16.11
C LYS A 332 1.12 6.16 -15.93
N VAL A 333 1.53 7.42 -16.07
CA VAL A 333 0.68 8.60 -15.93
C VAL A 333 1.08 9.67 -16.96
N ALA A 334 0.11 10.43 -17.48
CA ALA A 334 0.40 11.49 -18.45
C ALA A 334 0.13 12.87 -17.86
N ALA A 335 0.83 13.20 -16.77
CA ALA A 335 0.67 14.48 -16.09
C ALA A 335 1.81 15.43 -16.40
N ILE A 336 1.56 16.74 -16.28
CA ILE A 336 2.61 17.72 -16.47
C ILE A 336 3.30 17.94 -15.12
N GLU A 337 4.63 17.77 -15.02
CA GLU A 337 5.33 18.02 -13.77
C GLU A 337 5.16 19.47 -13.32
N GLY A 338 4.60 19.64 -12.13
CA GLY A 338 4.32 20.94 -11.57
C GLY A 338 2.89 21.41 -11.71
N GLU A 339 2.05 20.68 -12.51
CA GLU A 339 0.66 21.12 -12.69
C GLU A 339 -0.20 21.07 -11.41
N PHE A 340 0.25 20.32 -10.38
CA PHE A 340 -0.52 20.25 -9.11
C PHE A 340 0.12 21.06 -7.98
N LYS A 341 1.10 21.92 -8.30
CA LYS A 341 1.76 22.71 -7.29
C LYS A 341 0.78 23.72 -6.68
N LEU A 342 0.63 23.67 -5.37
CA LEU A 342 -0.29 24.54 -4.67
C LEU A 342 0.44 25.68 -3.95
N ARG A 343 -0.27 26.79 -3.74
CA ARG A 343 0.28 27.88 -2.93
C ARG A 343 0.27 27.46 -1.44
N THR A 344 1.10 28.11 -0.63
CA THR A 344 1.33 27.79 0.76
C THR A 344 0.05 27.44 1.59
N GLU A 345 -0.98 28.30 1.62
CA GLU A 345 -2.19 28.03 2.37
C GLU A 345 -2.98 26.80 1.88
N GLN A 346 -3.17 26.69 0.56
CA GLN A 346 -3.88 25.54 0.00
C GLN A 346 -3.05 24.26 0.20
N ARG A 347 -1.71 24.34 0.14
CA ARG A 347 -0.86 23.16 0.35
C ARG A 347 -1.02 22.66 1.77
N LYS A 348 -1.12 23.56 2.75
CA LYS A 348 -1.35 23.18 4.14
C LYS A 348 -2.72 22.51 4.32
N THR A 349 -3.75 23.00 3.62
CA THR A 349 -5.09 22.36 3.69
C THR A 349 -5.00 20.93 3.08
N PHE A 350 -4.33 20.80 1.91
CA PHE A 350 -4.12 19.52 1.21
C PHE A 350 -3.48 18.50 2.14
N VAL A 351 -2.40 18.87 2.82
CA VAL A 351 -1.73 18.00 3.78
C VAL A 351 -2.67 17.58 4.92
N GLU A 352 -3.34 18.56 5.54
CA GLU A 352 -4.25 18.26 6.65
C GLU A 352 -5.44 17.36 6.26
N LEU A 353 -6.02 17.54 5.05
CA LEU A 353 -7.11 16.68 4.57
C LEU A 353 -6.62 15.20 4.46
N MET A 354 -5.34 15.00 4.13
CA MET A 354 -4.78 13.65 4.07
C MET A 354 -4.41 13.13 5.46
N LYS A 355 -3.64 13.90 6.21
CA LYS A 355 -3.11 13.50 7.51
C LYS A 355 -4.17 13.34 8.60
N ARG A 356 -5.01 14.34 8.79
CA ARG A 356 -6.08 14.29 9.79
C ARG A 356 -7.41 13.85 9.17
N GLY A 357 -7.74 14.36 7.98
CA GLY A 357 -9.00 14.00 7.33
C GLY A 357 -9.06 12.56 6.84
N ASP A 358 -7.89 11.92 6.62
CA ASP A 358 -7.75 10.54 6.10
C ASP A 358 -8.44 10.40 4.72
N LEU A 359 -8.44 11.47 3.93
CA LEU A 359 -9.03 11.43 2.60
C LEU A 359 -8.04 10.91 1.57
N PRO A 360 -8.54 10.27 0.50
CA PRO A 360 -7.62 9.88 -0.59
C PRO A 360 -6.89 11.11 -1.15
N VAL A 361 -5.65 10.95 -1.66
CA VAL A 361 -4.88 12.10 -2.22
C VAL A 361 -5.70 12.92 -3.25
N TRP A 362 -6.32 12.24 -4.23
CA TRP A 362 -7.08 12.94 -5.27
C TRP A 362 -8.21 13.80 -4.69
N LEU A 363 -8.98 13.25 -3.73
CA LEU A 363 -10.08 14.01 -3.15
C LEU A 363 -9.55 15.20 -2.33
N ALA A 364 -8.48 14.99 -1.55
CA ALA A 364 -7.84 16.06 -0.74
C ALA A 364 -7.38 17.20 -1.65
N TYR A 365 -6.81 16.85 -2.82
CA TYR A 365 -6.37 17.86 -3.80
C TYR A 365 -7.56 18.66 -4.38
N GLN A 366 -8.67 17.98 -4.78
CA GLN A 366 -9.84 18.71 -5.31
C GLN A 366 -10.37 19.77 -4.32
N VAL A 367 -10.46 19.41 -3.03
CA VAL A 367 -10.95 20.31 -1.98
C VAL A 367 -9.97 21.48 -1.74
N ALA A 368 -8.69 21.19 -1.51
CA ALA A 368 -7.69 22.24 -1.26
C ALA A 368 -7.54 23.18 -2.45
N SER A 369 -7.50 22.63 -3.68
CA SER A 369 -7.33 23.47 -4.90
C SER A 369 -8.55 24.35 -5.18
N ALA A 370 -9.73 23.98 -4.65
CA ALA A 370 -10.93 24.79 -4.78
C ALA A 370 -10.94 25.99 -3.76
N GLY A 371 -9.92 26.10 -2.90
CA GLY A 371 -9.82 27.16 -1.91
C GLY A 371 -10.66 26.95 -0.65
N ILE A 372 -11.06 25.71 -0.41
CA ILE A 372 -11.86 25.36 0.76
C ILE A 372 -10.92 25.07 1.95
N THR A 373 -11.23 25.59 3.15
CA THR A 373 -10.41 25.33 4.35
C THR A 373 -10.76 23.96 4.98
N TYR A 374 -9.83 23.42 5.76
CA TYR A 374 -9.96 22.09 6.32
C TYR A 374 -11.30 21.79 7.00
N THR A 375 -11.76 22.65 7.93
CA THR A 375 -12.98 22.41 8.72
C THR A 375 -14.31 22.75 7.95
N ASP A 376 -14.22 23.26 6.72
CA ASP A 376 -15.42 23.63 5.95
C ASP A 376 -15.91 22.41 5.18
N ARG A 377 -17.05 21.79 5.64
CA ARG A 377 -17.61 20.55 5.11
C ARG A 377 -18.86 20.71 4.22
N ARG A 378 -19.20 21.97 3.85
CA ARG A 378 -20.35 22.22 2.99
C ARG A 378 -20.29 21.42 1.65
N TRP A 379 -19.07 21.19 1.12
CA TRP A 379 -18.83 20.42 -0.10
C TRP A 379 -19.31 18.96 0.00
N CYS A 380 -19.40 18.40 1.22
CA CYS A 380 -19.87 17.00 1.39
C CYS A 380 -21.38 16.82 1.04
N PHE A 381 -22.12 17.93 0.92
CA PHE A 381 -23.58 17.94 0.74
C PHE A 381 -24.10 18.68 -0.48
N ASP A 382 -23.26 19.43 -1.21
CA ASP A 382 -23.78 20.25 -2.32
C ASP A 382 -23.45 19.72 -3.71
N GLY A 383 -23.18 18.43 -3.84
CA GLY A 383 -22.92 17.83 -5.15
C GLY A 383 -24.19 17.55 -5.94
N THR A 384 -24.04 17.08 -7.18
CA THR A 384 -25.21 16.72 -7.99
C THR A 384 -25.88 15.45 -7.43
N THR A 385 -27.14 15.20 -7.82
CA THR A 385 -27.87 14.01 -7.34
C THR A 385 -27.19 12.70 -7.73
N ASN A 386 -26.42 12.67 -8.83
CA ASN A 386 -25.72 11.44 -9.22
C ASN A 386 -24.51 11.14 -8.29
N ASN A 387 -24.08 12.13 -7.46
CA ASN A 387 -23.03 11.95 -6.46
C ASN A 387 -23.55 11.48 -5.08
N THR A 388 -24.86 11.17 -4.97
CA THR A 388 -25.46 10.66 -3.74
C THR A 388 -24.79 9.36 -3.34
N ILE A 389 -24.28 9.31 -2.09
CA ILE A 389 -23.66 8.08 -1.60
C ILE A 389 -24.76 7.19 -1.05
N MET A 390 -24.77 5.91 -1.45
CA MET A 390 -25.78 4.95 -1.05
C MET A 390 -25.30 3.96 -0.01
N GLU A 391 -26.13 3.69 1.00
CA GLU A 391 -25.82 2.71 2.04
CA GLU A 391 -25.84 2.74 2.06
C GLU A 391 -27.01 1.77 2.16
N ASP A 392 -26.81 0.50 1.84
CA ASP A 392 -27.85 -0.53 1.86
C ASP A 392 -29.04 -0.13 0.98
N SER A 393 -28.75 0.31 -0.26
CA SER A 393 -29.69 0.73 -1.31
C SER A 393 -30.56 1.95 -0.96
N VAL A 394 -30.18 2.73 0.06
CA VAL A 394 -30.89 3.95 0.46
C VAL A 394 -29.85 5.09 0.66
N PRO A 395 -30.13 6.36 0.30
CA PRO A 395 -29.10 7.41 0.46
C PRO A 395 -28.55 7.51 1.88
N ALA A 396 -27.21 7.58 2.02
CA ALA A 396 -26.58 7.71 3.34
C ALA A 396 -26.92 9.10 3.90
N GLU A 397 -27.14 9.17 5.22
CA GLU A 397 -27.50 10.43 5.85
C GLU A 397 -26.62 10.70 7.07
N VAL A 398 -26.35 11.98 7.36
CA VAL A 398 -25.56 12.36 8.53
C VAL A 398 -26.16 13.64 9.15
N TRP A 399 -25.89 13.88 10.43
CA TRP A 399 -26.25 15.14 11.05
C TRP A 399 -25.02 16.01 10.85
N THR A 400 -25.19 17.16 10.19
CA THR A 400 -24.11 18.10 9.97
C THR A 400 -23.65 18.71 11.33
N LYS A 401 -22.53 19.44 11.31
CA LYS A 401 -22.04 20.13 12.50
C LYS A 401 -23.05 21.23 12.96
N TYR A 402 -24.01 21.63 12.10
CA TYR A 402 -25.06 22.60 12.40
C TYR A 402 -26.33 21.95 13.05
N GLY A 403 -26.38 20.62 13.12
CA GLY A 403 -27.50 19.92 13.72
C GLY A 403 -28.63 19.60 12.76
N GLU A 404 -28.36 19.65 11.45
CA GLU A 404 -29.35 19.40 10.40
C GLU A 404 -29.08 18.03 9.76
N LYS A 405 -30.14 17.25 9.48
CA LYS A 405 -29.98 15.93 8.85
C LYS A 405 -29.88 16.16 7.36
N ARG A 406 -28.80 15.67 6.74
CA ARG A 406 -28.59 15.83 5.30
C ARG A 406 -28.13 14.57 4.62
N VAL A 407 -28.47 14.44 3.32
CA VAL A 407 -28.03 13.32 2.48
C VAL A 407 -26.59 13.61 2.05
N LEU A 408 -25.74 12.60 2.12
CA LEU A 408 -24.34 12.67 1.72
C LEU A 408 -24.27 12.74 0.20
N LYS A 409 -23.83 13.87 -0.32
CA LYS A 409 -23.79 14.09 -1.76
C LYS A 409 -22.57 14.94 -2.06
N PRO A 410 -21.35 14.36 -2.00
CA PRO A 410 -20.15 15.18 -2.15
C PRO A 410 -20.01 15.84 -3.52
N ARG A 411 -19.46 17.07 -3.56
CA ARG A 411 -19.23 17.82 -4.80
C ARG A 411 -18.30 17.04 -5.77
N TRP A 412 -17.31 16.30 -5.18
CA TRP A 412 -16.40 15.42 -5.92
C TRP A 412 -16.62 14.04 -5.35
N MET A 413 -16.87 13.09 -6.23
CA MET A 413 -17.17 11.74 -5.82
C MET A 413 -15.93 10.83 -5.98
N ASP A 414 -15.40 10.34 -4.87
CA ASP A 414 -14.27 9.42 -4.89
C ASP A 414 -14.78 8.10 -4.27
N ALA A 415 -14.94 7.06 -5.09
CA ALA A 415 -15.48 5.75 -4.68
C ALA A 415 -14.77 5.11 -3.48
N ARG A 416 -13.51 5.48 -3.24
CA ARG A 416 -12.76 4.91 -2.11
C ARG A 416 -13.30 5.36 -0.75
N VAL A 417 -14.05 6.48 -0.68
CA VAL A 417 -14.61 6.90 0.61
C VAL A 417 -15.84 6.05 1.02
N CYS A 418 -16.35 5.19 0.14
CA CYS A 418 -17.53 4.37 0.45
C CYS A 418 -17.43 2.96 -0.17
N SER A 419 -16.20 2.44 -0.36
CA SER A 419 -15.97 1.12 -0.97
C SER A 419 -16.34 -0.06 -0.03
N ASP A 420 -16.43 0.21 1.25
CA ASP A 420 -16.82 -0.77 2.26
C ASP A 420 -17.47 -0.04 3.45
N HIS A 421 -18.15 -0.80 4.34
CA HIS A 421 -18.83 -0.22 5.49
C HIS A 421 -17.89 0.63 6.35
N ALA A 422 -16.66 0.13 6.63
CA ALA A 422 -15.68 0.88 7.43
C ALA A 422 -15.30 2.22 6.77
N ALA A 423 -15.05 2.22 5.44
CA ALA A 423 -14.69 3.47 4.74
C ALA A 423 -15.87 4.48 4.84
N LEU A 424 -17.11 4.06 4.50
CA LEU A 424 -18.28 4.95 4.56
C LEU A 424 -18.50 5.51 5.99
N LYS A 425 -18.27 4.69 7.02
CA LYS A 425 -18.38 5.13 8.42
C LYS A 425 -17.41 6.28 8.72
N SER A 426 -16.15 6.18 8.26
CA SER A 426 -15.14 7.21 8.47
C SER A 426 -15.51 8.47 7.67
N PHE A 427 -16.03 8.30 6.45
CA PHE A 427 -16.44 9.47 5.64
C PHE A 427 -17.62 10.21 6.27
N LYS A 428 -18.56 9.47 6.86
CA LYS A 428 -19.70 10.05 7.54
C LYS A 428 -19.26 10.91 8.72
N GLU A 429 -18.28 10.44 9.48
CA GLU A 429 -17.74 11.19 10.61
C GLU A 429 -17.05 12.48 10.12
N PHE A 430 -16.32 12.40 9.00
CA PHE A 430 -15.67 13.56 8.39
C PHE A 430 -16.72 14.57 7.93
N ALA A 431 -17.72 14.13 7.15
CA ALA A 431 -18.79 15.06 6.69
C ALA A 431 -19.54 15.75 7.86
N ALA A 432 -19.67 15.05 9.00
CA ALA A 432 -20.33 15.56 10.21
C ALA A 432 -19.44 16.53 11.04
N GLY A 433 -18.17 16.70 10.65
CA GLY A 433 -17.22 17.57 11.35
C GLY A 433 -16.63 16.94 12.61
N LYS A 434 -16.60 15.61 12.68
CA LYS A 434 -16.10 14.90 13.87
C LYS A 434 -14.58 14.68 13.89
N ARG A 435 -13.86 15.14 12.86
CA ARG A 435 -12.40 15.14 12.85
C ARG A 435 -11.83 16.19 11.87
#